data_3W7E
#
_entry.id   3W7E
#
_cell.length_a   68.059
_cell.length_b   71.821
_cell.length_c   128.610
_cell.angle_alpha   90.000
_cell.angle_beta   90.000
_cell.angle_gamma   90.000
#
_symmetry.space_group_name_H-M   'P 21 21 21'
#
loop_
_entity.id
_entity.type
_entity.pdbx_description
1 polymer 'Dihydroorotate dehydrogenase (fumarate)'
2 non-polymer '5-[2-(7-methoxynaphthalen-1-yl)ethyl]-2,6-dioxo-1,2,3,6-tetrahydropyrimidine-4-carboxylic acid'
3 non-polymer GLYCEROL
4 non-polymer 'FLAVIN MONONUCLEOTIDE'
5 non-polymer 'COBALT HEXAMMINE(III)'
6 water water
#
_entity_poly.entity_id   1
_entity_poly.type   'polypeptide(L)'
_entity_poly.pdbx_seq_one_letter_code
;MCLKLNLLDHVFANPFMNAAGVLCSTEEDLRCMTASSSGALVSKSCTSAPRDGNPEPRYMAFPLGSINSMGLPNLGFDFY
LKYASDLHDYSKKPLFLSISGLSVEENVAMVRRLAPVAQEKGVLLELNLSCPNVPGKPQVAYDFEAMRTYLQQVSLAYGL
PFGVKMPPYFDIAHFDTAAAVLNEFPLVKFVTCVNSVGNGLVIDAESESVVIKPKQGFGGLGGKYILPTALANVNAFYRR
CPDKLVFGCGGVYSGEDAFLHILAGASMVQVGTALQEEGPGIFTRLEDELLEIMARKGYRTLEEFRGRVKTIE
;
_entity_poly.pdbx_strand_id   A,B
#
# COMPACT_ATOMS: atom_id res chain seq x y z
N MET A 1 1.48 25.60 -26.94
CA MET A 1 1.45 24.54 -25.85
C MET A 1 1.14 25.16 -24.50
N CYS A 2 0.20 24.59 -23.72
CA CYS A 2 -0.04 25.19 -22.40
C CYS A 2 -0.61 24.25 -21.35
N LEU A 3 -0.24 24.63 -20.13
CA LEU A 3 -0.62 23.87 -18.94
C LEU A 3 -1.82 24.36 -18.27
N LYS A 4 -2.50 25.33 -18.88
CA LYS A 4 -3.65 25.97 -18.24
C LYS A 4 -4.85 25.04 -18.04
N LEU A 5 -5.51 25.21 -16.90
CA LEU A 5 -6.77 24.54 -16.62
C LEU A 5 -7.82 25.51 -16.14
N ASN A 6 -9.06 25.23 -16.45
CA ASN A 6 -10.22 25.97 -15.95
CA ASN A 6 -10.18 25.94 -15.87
C ASN A 6 -11.15 24.94 -15.32
N LEU A 7 -11.22 24.92 -14.00
CA LEU A 7 -12.11 23.98 -13.33
C LEU A 7 -12.60 24.55 -12.02
N LEU A 8 -13.74 24.06 -11.58
CA LEU A 8 -14.37 24.54 -10.35
C LEU A 8 -14.54 26.04 -10.32
N ASP A 9 -14.82 26.61 -11.48
CA ASP A 9 -14.98 28.06 -11.68
C ASP A 9 -13.77 28.90 -11.25
N HIS A 10 -12.60 28.26 -11.38
CA HIS A 10 -11.31 28.92 -11.26
C HIS A 10 -10.41 28.64 -12.41
N VAL A 11 -9.42 29.49 -12.56
CA VAL A 11 -8.40 29.37 -13.58
C VAL A 11 -7.06 29.12 -12.91
N PHE A 12 -6.34 28.13 -13.48
CA PHE A 12 -5.10 27.63 -12.93
C PHE A 12 -4.01 27.76 -14.01
N ALA A 13 -2.86 28.33 -13.70
CA ALA A 13 -1.81 28.42 -14.70
C ALA A 13 -1.23 27.09 -15.14
N ASN A 14 -1.27 26.13 -14.21
CA ASN A 14 -0.72 24.82 -14.42
C ASN A 14 -1.37 23.92 -13.37
N PRO A 15 -1.18 22.61 -13.50
CA PRO A 15 -1.90 21.67 -12.59
C PRO A 15 -1.20 21.43 -11.27
N PHE A 16 -0.08 21.99 -11.07
CA PHE A 16 0.75 21.60 -9.85
C PHE A 16 0.38 22.44 -8.68
N MET A 17 0.38 21.73 -7.54
CA MET A 17 0.17 22.34 -6.24
C MET A 17 0.84 21.50 -5.18
N ASN A 18 1.00 22.08 -3.99
CA ASN A 18 1.44 21.24 -2.87
C ASN A 18 0.42 20.20 -2.51
N ALA A 19 0.86 19.11 -1.87
CA ALA A 19 -0.05 18.23 -1.17
C ALA A 19 -0.27 18.76 0.25
N ALA A 20 -1.49 18.60 0.77
CA ALA A 20 -1.81 19.08 2.04
C ALA A 20 -0.83 18.53 3.08
N GLY A 21 -0.40 19.40 4.00
CA GLY A 21 0.58 19.08 4.97
C GLY A 21 2.01 19.51 4.70
N VAL A 22 2.31 19.68 3.44
CA VAL A 22 3.69 20.06 3.01
C VAL A 22 3.71 21.51 2.63
N LEU A 23 4.62 22.28 3.27
CA LEU A 23 4.86 23.70 2.96
C LEU A 23 3.58 24.51 3.04
N CYS A 24 2.72 24.16 4.00
CA CYS A 24 1.39 24.81 4.16
C CYS A 24 0.92 25.31 5.54
N SER A 25 1.69 25.07 6.59
CA SER A 25 1.21 25.20 7.98
C SER A 25 1.17 26.59 8.55
N THR A 26 2.12 27.44 8.22
CA THR A 26 2.23 28.79 8.76
C THR A 26 1.92 29.82 7.70
N GLU A 27 1.74 31.07 8.09
CA GLU A 27 1.61 32.13 7.17
C GLU A 27 2.85 32.20 6.26
N GLU A 28 4.04 32.05 6.84
CA GLU A 28 5.26 32.07 6.07
C GLU A 28 5.18 30.96 4.94
N ASP A 29 4.78 29.75 5.29
CA ASP A 29 4.65 28.65 4.36
C ASP A 29 3.71 28.99 3.21
N LEU A 30 2.57 29.56 3.58
CA LEU A 30 1.54 29.87 2.59
C LEU A 30 1.93 30.96 1.66
N ARG A 31 2.64 31.98 2.20
CA ARG A 31 3.18 33.02 1.35
CA ARG A 31 3.20 33.03 1.36
C ARG A 31 4.25 32.46 0.41
N CYS A 32 5.04 31.50 0.88
CA CYS A 32 6.03 30.83 0.07
C CYS A 32 5.39 30.05 -1.09
N MET A 33 4.40 29.24 -0.76
CA MET A 33 3.69 28.54 -1.85
C MET A 33 3.04 29.51 -2.83
N THR A 34 2.50 30.62 -2.31
CA THR A 34 1.89 31.63 -3.16
C THR A 34 2.92 32.20 -4.12
N ALA A 35 4.13 32.46 -3.61
CA ALA A 35 5.20 33.05 -4.43
C ALA A 35 5.82 32.11 -5.44
N SER A 36 5.61 30.81 -5.24
CA SER A 36 6.13 29.81 -6.14
C SER A 36 5.43 29.80 -7.51
N SER A 37 5.96 28.96 -8.42
CA SER A 37 5.34 28.83 -9.74
C SER A 37 4.20 27.87 -9.69
N SER A 38 3.82 27.30 -8.56
CA SER A 38 2.65 26.34 -8.59
C SER A 38 1.35 27.02 -9.09
N GLY A 39 0.45 26.21 -9.66
CA GLY A 39 -0.82 26.64 -10.09
C GLY A 39 -1.82 26.91 -9.01
N ALA A 40 -1.63 26.28 -7.85
CA ALA A 40 -2.51 26.48 -6.71
C ALA A 40 -1.74 26.12 -5.44
N LEU A 41 -2.41 26.26 -4.29
CA LEU A 41 -1.89 25.81 -3.03
C LEU A 41 -3.04 25.33 -2.18
N VAL A 42 -2.73 24.46 -1.23
CA VAL A 42 -3.70 23.99 -0.19
C VAL A 42 -3.08 24.20 1.20
N SER A 43 -3.89 24.62 2.17
CA SER A 43 -3.41 24.80 3.53
C SER A 43 -3.40 23.52 4.27
N LYS A 44 -2.59 23.41 5.35
CA LYS A 44 -2.49 22.27 6.23
C LYS A 44 -3.86 21.88 6.77
N SER A 45 -4.19 20.59 6.73
CA SER A 45 -5.48 20.08 7.30
C SER A 45 -5.54 20.60 8.74
N CYS A 46 -6.68 21.20 9.09
CA CYS A 46 -6.81 21.80 10.41
C CYS A 46 -7.95 21.21 11.25
N THR A 47 -7.79 21.47 12.53
CA THR A 47 -8.81 21.20 13.58
C THR A 47 -9.28 22.56 14.10
N SER A 48 -10.38 22.55 14.86
CA SER A 48 -10.87 23.80 15.40
CA SER A 48 -10.84 23.85 15.32
C SER A 48 -9.83 24.47 16.28
N ALA A 49 -9.20 23.66 17.13
CA ALA A 49 -8.14 24.14 18.03
C ALA A 49 -6.73 23.87 17.50
N PRO A 50 -5.79 24.74 17.80
CA PRO A 50 -4.42 24.48 17.40
C PRO A 50 -3.95 23.14 18.02
N ARG A 51 -2.98 22.46 17.37
CA ARG A 51 -2.37 21.25 17.85
C ARG A 51 -0.89 21.38 17.68
N ASP A 52 -0.18 20.85 18.69
CA ASP A 52 1.27 20.70 18.59
C ASP A 52 1.73 19.47 17.80
N GLY A 53 0.85 18.50 17.66
CA GLY A 53 1.22 17.29 16.98
C GLY A 53 2.02 16.37 17.85
N ASN A 54 2.53 15.32 17.18
CA ASN A 54 3.27 14.26 17.90
C ASN A 54 4.71 14.62 18.20
N PRO A 55 5.34 13.84 19.10
CA PRO A 55 6.70 14.10 19.39
C PRO A 55 7.63 13.82 18.22
N GLU A 56 8.76 14.52 18.17
CA GLU A 56 9.75 14.34 17.11
C GLU A 56 10.74 13.30 17.53
N PRO A 57 11.38 12.62 16.55
CA PRO A 57 11.17 12.75 15.13
C PRO A 57 9.91 12.12 14.61
N ARG A 58 9.22 12.85 13.73
CA ARG A 58 7.95 12.44 13.25
C ARG A 58 7.80 12.46 11.73
N TYR A 59 8.82 12.90 11.02
CA TYR A 59 8.97 12.76 9.55
C TYR A 59 10.36 12.41 9.27
N MET A 60 10.52 11.44 8.35
CA MET A 60 11.86 11.17 7.75
C MET A 60 11.71 10.85 6.28
N ALA A 61 12.75 11.22 5.51
CA ALA A 61 12.81 10.92 4.10
C ALA A 61 14.07 10.26 3.70
N PHE A 62 13.93 9.49 2.63
CA PHE A 62 14.94 8.52 2.15
C PHE A 62 14.82 8.49 0.62
N PRO A 63 15.79 7.83 -0.06
CA PRO A 63 15.79 7.87 -1.50
C PRO A 63 14.47 7.49 -2.14
N LEU A 64 13.81 6.53 -1.57
CA LEU A 64 12.54 6.07 -2.16
C LEU A 64 11.27 6.70 -1.62
N GLY A 65 11.38 7.60 -0.65
CA GLY A 65 10.17 8.27 -0.13
C GLY A 65 10.25 8.67 1.27
N SER A 66 9.11 8.79 1.92
CA SER A 66 9.07 9.36 3.28
C SER A 66 8.08 8.50 4.17
N ILE A 67 8.25 8.68 5.44
CA ILE A 67 7.29 8.21 6.41
C ILE A 67 7.01 9.32 7.41
N ASN A 68 5.77 9.38 7.86
CA ASN A 68 5.44 10.38 8.82
C ASN A 68 4.34 9.91 9.74
N SER A 69 4.38 10.41 10.95
CA SER A 69 3.25 10.38 11.86
C SER A 69 3.19 11.74 12.56
N MET A 70 2.87 12.76 11.81
CA MET A 70 2.97 14.10 12.33
C MET A 70 2.03 14.36 13.47
N GLY A 71 0.85 13.81 13.49
CA GLY A 71 -0.17 14.05 14.52
C GLY A 71 -1.02 15.27 14.29
N LEU A 72 -1.11 15.70 13.06
CA LEU A 72 -1.87 16.88 12.67
C LEU A 72 -1.47 18.17 13.47
N PRO A 73 -0.20 18.48 13.53
CA PRO A 73 0.16 19.83 14.03
C PRO A 73 -0.41 20.90 13.10
N ASN A 74 -1.06 21.91 13.68
CA ASN A 74 -1.63 22.96 12.87
C ASN A 74 -1.99 24.12 13.76
N LEU A 75 -2.19 25.26 13.08
CA LEU A 75 -2.42 26.54 13.81
C LEU A 75 -3.88 26.77 14.21
N GLY A 76 -4.78 25.86 13.86
CA GLY A 76 -6.24 25.91 14.16
C GLY A 76 -6.98 26.56 13.05
N PHE A 77 -8.24 26.24 12.97
CA PHE A 77 -9.11 26.71 11.92
C PHE A 77 -9.14 28.22 11.81
N ASP A 78 -9.22 28.96 12.93
CA ASP A 78 -9.39 30.36 12.78
C ASP A 78 -8.21 31.01 12.01
N PHE A 79 -7.00 30.53 12.22
CA PHE A 79 -5.85 30.94 11.46
C PHE A 79 -6.01 30.72 9.96
N TYR A 80 -6.38 29.52 9.56
CA TYR A 80 -6.51 29.24 8.15
C TYR A 80 -7.61 30.03 7.52
N LEU A 81 -8.71 30.16 8.30
CA LEU A 81 -9.86 30.92 7.76
C LEU A 81 -9.48 32.38 7.57
N LYS A 82 -8.72 32.95 8.49
CA LYS A 82 -8.21 34.30 8.37
C LYS A 82 -7.30 34.46 7.17
N TYR A 83 -6.46 33.49 6.94
CA TYR A 83 -5.57 33.47 5.78
C TYR A 83 -6.42 33.58 4.50
N ALA A 84 -7.43 32.75 4.41
CA ALA A 84 -8.34 32.68 3.27
C ALA A 84 -9.14 33.98 3.11
N SER A 85 -9.57 34.56 4.21
CA SER A 85 -10.51 35.65 4.13
C SER A 85 -9.75 36.99 3.97
N ASP A 86 -8.58 37.15 4.60
CA ASP A 86 -7.91 38.45 4.67
C ASP A 86 -6.54 38.50 4.06
N LEU A 87 -5.81 37.38 4.02
CA LEU A 87 -4.37 37.45 3.66
C LEU A 87 -3.99 36.97 2.26
N HIS A 88 -4.63 35.90 1.77
CA HIS A 88 -4.28 35.32 0.52
C HIS A 88 -4.54 36.34 -0.66
N ASP A 89 -3.58 36.45 -1.58
CA ASP A 89 -3.81 37.17 -2.81
C ASP A 89 -4.29 36.15 -3.84
N TYR A 90 -5.59 36.21 -4.08
CA TYR A 90 -6.28 35.42 -5.07
C TYR A 90 -5.91 35.77 -6.50
N SER A 91 -5.32 36.94 -6.70
CA SER A 91 -4.88 37.33 -8.03
C SER A 91 -3.66 36.46 -8.41
N LYS A 92 -2.98 35.85 -7.45
CA LYS A 92 -1.80 35.06 -7.79
C LYS A 92 -2.18 33.62 -8.21
N LYS A 93 -3.03 32.96 -7.42
CA LYS A 93 -3.50 31.65 -7.72
C LYS A 93 -4.65 31.27 -6.79
N PRO A 94 -5.36 30.20 -7.11
CA PRO A 94 -6.39 29.72 -6.20
C PRO A 94 -5.88 29.05 -4.98
N LEU A 95 -6.70 29.12 -3.94
CA LEU A 95 -6.43 28.55 -2.66
C LEU A 95 -7.48 27.51 -2.31
N PHE A 96 -6.95 26.35 -1.84
CA PHE A 96 -7.75 25.30 -1.22
C PHE A 96 -7.46 25.34 0.29
N LEU A 97 -8.49 25.11 1.11
CA LEU A 97 -8.37 24.97 2.55
C LEU A 97 -8.73 23.57 2.88
N SER A 98 -7.80 22.88 3.54
CA SER A 98 -8.07 21.50 4.01
C SER A 98 -8.51 21.44 5.43
N ILE A 99 -9.56 20.69 5.70
CA ILE A 99 -10.01 20.47 7.07
C ILE A 99 -9.96 19.00 7.46
N SER A 100 -9.71 18.73 8.74
CA SER A 100 -9.71 17.37 9.21
C SER A 100 -10.04 17.48 10.69
N GLY A 101 -11.31 17.57 10.97
CA GLY A 101 -11.83 17.44 12.32
C GLY A 101 -11.77 16.03 12.88
N LEU A 102 -11.84 15.96 14.21
CA LEU A 102 -11.74 14.71 14.93
C LEU A 102 -13.11 14.05 15.19
N SER A 103 -14.17 14.71 14.72
CA SER A 103 -15.52 14.22 14.82
C SER A 103 -16.32 14.85 13.72
N VAL A 104 -17.47 14.28 13.43
CA VAL A 104 -18.33 14.93 12.44
C VAL A 104 -18.76 16.34 12.91
N GLU A 105 -19.08 16.57 14.22
CA GLU A 105 -19.48 17.82 14.72
CA GLU A 105 -19.50 17.92 14.60
C GLU A 105 -18.39 18.92 14.46
N GLU A 106 -17.14 18.53 14.70
CA GLU A 106 -16.01 19.47 14.55
C GLU A 106 -15.91 19.91 13.05
N ASN A 107 -16.04 18.95 12.15
CA ASN A 107 -16.03 19.28 10.71
C ASN A 107 -17.20 20.15 10.32
N VAL A 108 -18.40 19.85 10.86
CA VAL A 108 -19.61 20.59 10.56
C VAL A 108 -19.44 22.05 11.02
N ALA A 109 -18.87 22.24 12.18
CA ALA A 109 -18.71 23.60 12.68
C ALA A 109 -17.73 24.45 11.90
N MET A 110 -16.67 23.80 11.42
CA MET A 110 -15.70 24.48 10.58
C MET A 110 -16.37 24.86 9.25
N VAL A 111 -17.01 23.89 8.59
CA VAL A 111 -17.51 24.22 7.26
C VAL A 111 -18.69 25.22 7.31
N ARG A 112 -19.39 25.24 8.42
CA ARG A 112 -20.41 26.33 8.52
C ARG A 112 -19.85 27.68 8.51
N ARG A 113 -18.70 27.87 9.12
CA ARG A 113 -18.00 29.16 9.12
C ARG A 113 -17.11 29.44 7.90
N LEU A 114 -16.66 28.35 7.25
CA LEU A 114 -15.97 28.48 5.94
C LEU A 114 -16.88 28.96 4.78
N ALA A 115 -18.13 28.52 4.82
CA ALA A 115 -19.08 28.77 3.71
C ALA A 115 -19.09 30.19 3.26
N PRO A 116 -19.28 31.18 4.13
CA PRO A 116 -19.42 32.55 3.62
C PRO A 116 -18.13 33.09 2.99
N VAL A 117 -16.99 32.57 3.48
CA VAL A 117 -15.73 32.95 2.92
C VAL A 117 -15.48 32.26 1.55
N ALA A 118 -15.87 31.01 1.45
CA ALA A 118 -15.90 30.31 0.17
C ALA A 118 -16.73 31.06 -0.85
N GLN A 119 -17.92 31.45 -0.44
CA GLN A 119 -18.76 32.24 -1.34
C GLN A 119 -18.20 33.56 -1.74
N GLU A 120 -17.65 34.33 -0.83
CA GLU A 120 -17.17 35.62 -1.14
C GLU A 120 -15.82 35.67 -1.80
N LYS A 121 -14.90 34.81 -1.37
CA LYS A 121 -13.48 34.88 -1.83
C LYS A 121 -13.11 33.76 -2.77
N GLY A 122 -13.88 32.72 -2.75
CA GLY A 122 -13.61 31.59 -3.70
C GLY A 122 -12.65 30.49 -3.21
N VAL A 123 -12.27 30.54 -1.93
CA VAL A 123 -11.49 29.44 -1.36
C VAL A 123 -12.26 28.18 -1.54
N LEU A 124 -11.53 27.08 -1.86
CA LEU A 124 -12.10 25.74 -2.11
C LEU A 124 -11.80 24.79 -1.01
N LEU A 125 -12.82 24.10 -0.57
CA LEU A 125 -12.66 23.16 0.51
C LEU A 125 -12.20 21.79 0.07
N GLU A 126 -11.12 21.24 0.73
CA GLU A 126 -10.72 19.82 0.63
C GLU A 126 -10.91 19.19 1.99
N LEU A 127 -11.85 18.28 2.08
CA LEU A 127 -12.12 17.56 3.31
C LEU A 127 -11.30 16.29 3.42
N ASN A 128 -10.44 16.20 4.45
CA ASN A 128 -9.58 15.05 4.62
C ASN A 128 -10.32 13.99 5.36
N LEU A 129 -10.62 12.90 4.64
CA LEU A 129 -11.32 11.80 5.26
C LEU A 129 -10.44 10.72 5.79
N SER A 130 -9.11 10.94 5.86
CA SER A 130 -8.24 10.10 6.80
C SER A 130 -8.32 10.58 8.26
N CYS A 131 -9.20 11.50 8.63
CA CYS A 131 -9.31 11.86 10.01
C CYS A 131 -9.62 10.54 10.82
N PRO A 132 -9.10 10.47 12.04
CA PRO A 132 -9.42 9.33 12.85
C PRO A 132 -10.85 9.54 13.30
N ASN A 133 -11.60 8.49 13.59
CA ASN A 133 -12.92 8.67 14.14
C ASN A 133 -12.85 8.36 15.62
N VAL A 134 -13.46 7.23 15.97
CA VAL A 134 -13.30 6.61 17.27
C VAL A 134 -12.03 5.78 17.30
N PRO A 135 -11.17 5.95 18.29
CA PRO A 135 -9.98 5.10 18.36
C PRO A 135 -10.36 3.62 18.54
N GLY A 136 -9.67 2.71 17.84
CA GLY A 136 -10.04 1.32 17.67
C GLY A 136 -10.90 0.99 16.49
N LYS A 137 -11.36 2.02 15.82
CA LYS A 137 -12.03 1.87 14.56
C LYS A 137 -11.03 2.44 13.51
N PRO A 138 -11.23 1.98 12.27
CA PRO A 138 -10.41 2.49 11.14
C PRO A 138 -10.65 3.95 10.87
N GLN A 139 -9.69 4.55 10.15
CA GLN A 139 -9.88 5.92 9.70
C GLN A 139 -11.20 6.02 8.98
N VAL A 140 -11.73 7.23 8.95
CA VAL A 140 -13.08 7.46 8.47
C VAL A 140 -13.32 6.85 7.07
N ALA A 141 -12.37 7.09 6.14
CA ALA A 141 -12.61 6.61 4.78
C ALA A 141 -12.43 5.12 4.61
N TYR A 142 -11.98 4.41 5.64
CA TYR A 142 -12.02 2.99 5.63
C TYR A 142 -13.26 2.42 6.37
N ASP A 143 -14.15 3.28 6.78
CA ASP A 143 -15.41 2.92 7.45
C ASP A 143 -16.50 3.56 6.66
N PHE A 144 -17.06 2.83 5.70
CA PHE A 144 -17.92 3.40 4.71
C PHE A 144 -19.18 4.02 5.30
N GLU A 145 -19.71 3.43 6.38
CA GLU A 145 -20.86 4.07 7.06
C GLU A 145 -20.51 5.38 7.69
N ALA A 146 -19.34 5.45 8.34
CA ALA A 146 -18.88 6.73 8.84
C ALA A 146 -18.66 7.71 7.75
N MET A 147 -17.99 7.30 6.68
CA MET A 147 -17.75 8.19 5.55
C MET A 147 -19.06 8.85 5.04
N ARG A 148 -20.10 8.02 4.91
CA ARG A 148 -21.40 8.48 4.44
C ARG A 148 -22.01 9.50 5.40
N THR A 149 -21.89 9.26 6.70
CA THR A 149 -22.38 10.23 7.74
C THR A 149 -21.64 11.56 7.66
N TYR A 150 -20.30 11.49 7.51
CA TYR A 150 -19.55 12.71 7.38
C TYR A 150 -19.91 13.51 6.18
N LEU A 151 -20.06 12.83 5.03
CA LEU A 151 -20.43 13.51 3.81
C LEU A 151 -21.86 14.05 3.79
N GLN A 152 -22.78 13.33 4.40
CA GLN A 152 -24.16 13.85 4.49
C GLN A 152 -24.19 15.16 5.36
N GLN A 153 -23.51 15.12 6.48
CA GLN A 153 -23.48 16.25 7.39
CA GLN A 153 -23.53 16.26 7.40
C GLN A 153 -22.73 17.45 6.85
N VAL A 154 -21.56 17.21 6.26
CA VAL A 154 -20.83 18.30 5.71
C VAL A 154 -21.56 18.88 4.51
N SER A 155 -22.12 18.02 3.68
CA SER A 155 -22.87 18.56 2.54
C SER A 155 -24.00 19.48 3.01
N LEU A 156 -24.77 19.03 4.00
CA LEU A 156 -25.90 19.86 4.51
C LEU A 156 -25.39 21.16 5.15
N ALA A 157 -24.32 21.10 5.89
CA ALA A 157 -23.78 22.25 6.57
C ALA A 157 -23.09 23.30 5.69
N TYR A 158 -22.45 22.85 4.61
CA TYR A 158 -21.64 23.66 3.78
C TYR A 158 -22.44 24.21 2.61
N GLY A 159 -23.11 23.30 1.91
CA GLY A 159 -24.03 23.68 0.85
C GLY A 159 -23.39 24.21 -0.44
N LEU A 160 -22.08 23.95 -0.63
CA LEU A 160 -21.27 24.48 -1.75
C LEU A 160 -20.41 23.35 -2.23
N PRO A 161 -19.98 23.46 -3.49
CA PRO A 161 -19.08 22.42 -4.03
C PRO A 161 -17.79 22.30 -3.16
N PHE A 162 -17.38 21.06 -2.98
CA PHE A 162 -16.17 20.78 -2.19
C PHE A 162 -15.53 19.51 -2.73
N GLY A 163 -14.36 19.19 -2.21
CA GLY A 163 -13.68 17.91 -2.54
C GLY A 163 -13.27 17.18 -1.32
N VAL A 164 -12.85 15.96 -1.59
CA VAL A 164 -12.46 15.03 -0.54
C VAL A 164 -11.06 14.47 -0.83
N LYS A 165 -10.26 14.35 0.20
CA LYS A 165 -8.94 13.68 0.13
C LYS A 165 -9.07 12.29 0.66
N MET A 166 -8.79 11.30 -0.19
CA MET A 166 -8.97 9.87 0.13
C MET A 166 -7.72 9.10 0.37
N PRO A 167 -7.76 8.16 1.28
CA PRO A 167 -6.65 7.24 1.41
C PRO A 167 -6.67 6.27 0.21
N PRO A 168 -5.56 5.56 -0.01
CA PRO A 168 -5.55 4.54 -1.04
C PRO A 168 -6.38 3.34 -0.60
N TYR A 169 -6.94 2.69 -1.60
CA TYR A 169 -7.56 1.37 -1.44
C TYR A 169 -6.83 0.35 -2.31
N PHE A 170 -6.99 -0.94 -1.96
CA PHE A 170 -6.21 -2.03 -2.46
C PHE A 170 -7.05 -3.22 -3.05
N ASP A 171 -8.35 -3.08 -2.99
CA ASP A 171 -9.29 -4.12 -3.38
C ASP A 171 -10.36 -3.53 -4.24
N ILE A 172 -10.69 -4.18 -5.31
CA ILE A 172 -11.69 -3.69 -6.28
C ILE A 172 -13.03 -3.47 -5.61
N ALA A 173 -13.39 -4.34 -4.68
CA ALA A 173 -14.70 -4.16 -3.98
C ALA A 173 -14.72 -2.87 -3.20
N HIS A 174 -13.55 -2.51 -2.64
CA HIS A 174 -13.42 -1.20 -1.95
C HIS A 174 -13.48 -0.02 -2.89
N PHE A 175 -12.83 -0.07 -4.04
CA PHE A 175 -12.97 1.00 -5.05
C PHE A 175 -14.42 1.13 -5.33
N ASP A 176 -15.11 0.02 -5.61
CA ASP A 176 -16.54 0.12 -5.98
C ASP A 176 -17.37 0.74 -4.89
N THR A 177 -17.26 0.30 -3.68
CA THR A 177 -18.04 0.82 -2.56
C THR A 177 -17.73 2.26 -2.28
N ALA A 178 -16.42 2.60 -2.27
CA ALA A 178 -16.05 3.98 -1.99
C ALA A 178 -16.58 4.95 -3.00
N ALA A 179 -16.42 4.62 -4.28
CA ALA A 179 -16.90 5.49 -5.26
C ALA A 179 -18.39 5.63 -5.26
N ALA A 180 -19.11 4.57 -4.99
CA ALA A 180 -20.56 4.62 -4.85
C ALA A 180 -20.96 5.51 -3.71
N VAL A 181 -20.25 5.50 -2.58
CA VAL A 181 -20.56 6.46 -1.50
C VAL A 181 -20.35 7.87 -2.01
N LEU A 182 -19.19 8.18 -2.63
CA LEU A 182 -19.00 9.48 -3.13
C LEU A 182 -20.01 10.01 -4.13
N ASN A 183 -20.46 9.12 -4.98
CA ASN A 183 -21.41 9.47 -6.01
C ASN A 183 -22.85 9.74 -5.45
N GLU A 184 -23.05 9.45 -4.18
CA GLU A 184 -24.32 9.86 -3.50
C GLU A 184 -24.36 11.35 -3.23
N PHE A 185 -23.22 12.08 -3.35
CA PHE A 185 -23.09 13.45 -2.92
C PHE A 185 -22.71 14.31 -4.06
N PRO A 186 -23.70 14.98 -4.66
CA PRO A 186 -23.48 15.84 -5.79
C PRO A 186 -22.56 17.06 -5.51
N LEU A 187 -22.45 17.50 -4.25
CA LEU A 187 -21.58 18.61 -3.93
C LEU A 187 -20.11 18.20 -3.92
N VAL A 188 -19.82 16.90 -3.85
CA VAL A 188 -18.44 16.45 -3.96
C VAL A 188 -18.02 16.54 -5.41
N LYS A 189 -17.29 17.62 -5.74
CA LYS A 189 -16.94 17.89 -7.10
C LYS A 189 -15.52 17.45 -7.47
N PHE A 190 -14.67 17.16 -6.50
CA PHE A 190 -13.36 16.63 -6.79
C PHE A 190 -12.98 15.60 -5.76
N VAL A 191 -12.14 14.65 -6.16
CA VAL A 191 -11.65 13.53 -5.29
C VAL A 191 -10.15 13.51 -5.45
N THR A 192 -9.41 13.74 -4.34
CA THR A 192 -7.96 13.72 -4.39
C THR A 192 -7.48 12.38 -3.89
N CYS A 193 -6.83 11.69 -4.80
CA CYS A 193 -6.29 10.34 -4.61
C CYS A 193 -4.83 10.43 -4.81
N VAL A 194 -3.95 10.22 -3.80
CA VAL A 194 -4.20 9.60 -2.52
C VAL A 194 -3.44 10.30 -1.38
N ASN A 195 -3.97 10.12 -0.20
CA ASN A 195 -3.21 10.28 1.06
C ASN A 195 -2.10 9.20 1.20
N SER A 196 -1.32 9.28 2.27
CA SER A 196 -0.21 8.37 2.49
C SER A 196 -0.66 6.92 2.69
N VAL A 197 0.13 5.99 2.15
CA VAL A 197 -0.13 4.57 2.30
C VAL A 197 0.12 4.22 3.82
N GLY A 198 -0.94 3.91 4.54
CA GLY A 198 -0.89 3.91 5.97
C GLY A 198 -0.01 2.89 6.60
N ASN A 199 0.53 3.31 7.74
CA ASN A 199 1.14 2.38 8.68
C ASN A 199 2.14 1.48 8.09
N GLY A 200 3.02 2.08 7.32
CA GLY A 200 4.29 1.42 6.95
C GLY A 200 5.28 1.49 8.14
N LEU A 201 6.44 0.89 8.00
CA LEU A 201 7.48 0.83 9.06
C LEU A 201 8.84 0.86 8.38
N VAL A 202 9.58 1.94 8.58
CA VAL A 202 10.97 2.02 8.07
C VAL A 202 11.87 1.68 9.28
N ILE A 203 12.85 0.86 9.00
CA ILE A 203 13.83 0.45 9.97
C ILE A 203 15.24 0.73 9.38
N ASP A 204 16.08 1.30 10.24
CA ASP A 204 17.46 1.65 9.90
C ASP A 204 18.31 0.44 10.30
N ALA A 205 18.96 -0.15 9.34
CA ALA A 205 19.73 -1.36 9.62
C ALA A 205 20.93 -1.13 10.55
N GLU A 206 21.60 0.01 10.43
CA GLU A 206 22.74 0.24 11.32
C GLU A 206 22.41 0.36 12.80
N SER A 207 21.40 1.15 13.11
CA SER A 207 21.00 1.40 14.46
C SER A 207 20.03 0.38 14.96
N GLU A 208 19.50 -0.43 14.04
CA GLU A 208 18.47 -1.44 14.36
C GLU A 208 17.22 -0.88 14.94
N SER A 209 16.93 0.37 14.56
CA SER A 209 15.85 1.13 15.10
C SER A 209 14.88 1.64 14.05
N VAL A 210 13.60 1.74 14.45
CA VAL A 210 12.64 2.60 13.70
C VAL A 210 13.17 4.03 13.63
N VAL A 211 12.59 4.78 12.71
CA VAL A 211 13.10 6.09 12.40
C VAL A 211 12.19 7.25 12.82
N ILE A 212 10.97 6.94 13.25
CA ILE A 212 10.13 7.97 13.82
C ILE A 212 9.69 7.47 15.17
N LYS A 213 9.44 8.45 16.04
CA LYS A 213 9.09 8.17 17.42
C LYS A 213 7.63 7.75 17.75
N PRO A 214 6.64 8.45 17.16
CA PRO A 214 5.29 8.01 17.48
C PRO A 214 4.96 6.59 17.00
N LYS A 215 3.97 5.96 17.61
CA LYS A 215 3.36 4.73 17.12
C LYS A 215 4.36 3.63 16.88
N GLN A 216 5.38 3.59 17.71
CA GLN A 216 6.42 2.55 17.64
C GLN A 216 7.05 2.50 16.25
N GLY A 217 7.11 3.66 15.56
CA GLY A 217 7.73 3.79 14.25
C GLY A 217 6.79 3.67 13.05
N PHE A 218 5.52 3.35 13.25
CA PHE A 218 4.57 3.16 12.16
C PHE A 218 4.11 4.53 11.69
N GLY A 219 4.06 4.69 10.39
CA GLY A 219 3.58 5.98 9.80
C GLY A 219 3.26 5.85 8.39
N GLY A 220 2.64 6.90 7.89
CA GLY A 220 2.21 6.89 6.51
C GLY A 220 3.36 7.10 5.52
N LEU A 221 3.30 6.38 4.39
CA LEU A 221 4.35 6.43 3.41
C LEU A 221 3.95 7.31 2.25
N GLY A 222 4.92 8.05 1.75
CA GLY A 222 4.80 8.84 0.54
C GLY A 222 6.00 8.64 -0.35
N GLY A 223 5.94 9.19 -1.51
CA GLY A 223 7.05 9.22 -2.40
C GLY A 223 7.10 8.08 -3.44
N LYS A 224 8.32 7.72 -3.85
CA LYS A 224 8.47 6.73 -4.93
C LYS A 224 7.80 5.41 -4.58
N TYR A 225 7.79 5.00 -3.32
CA TYR A 225 7.07 3.82 -2.89
C TYR A 225 5.68 3.70 -3.42
N ILE A 226 4.97 4.81 -3.57
CA ILE A 226 3.54 4.74 -3.67
C ILE A 226 2.98 5.18 -5.07
N LEU A 227 3.83 5.45 -6.04
CA LEU A 227 3.36 5.94 -7.35
C LEU A 227 2.36 5.02 -8.02
N PRO A 228 2.71 3.67 -8.11
CA PRO A 228 1.71 2.84 -8.77
C PRO A 228 0.38 2.69 -7.96
N THR A 229 0.47 2.74 -6.65
CA THR A 229 -0.76 2.70 -5.86
C THR A 229 -1.59 3.97 -6.15
N ALA A 230 -0.88 5.12 -6.18
CA ALA A 230 -1.54 6.41 -6.47
C ALA A 230 -2.23 6.38 -7.83
N LEU A 231 -1.49 5.92 -8.86
CA LEU A 231 -2.06 5.88 -10.18
C LEU A 231 -3.30 5.03 -10.23
N ALA A 232 -3.26 3.87 -9.58
CA ALA A 232 -4.39 3.00 -9.57
C ALA A 232 -5.61 3.69 -8.98
N ASN A 233 -5.38 4.39 -7.88
CA ASN A 233 -6.51 5.03 -7.22
C ASN A 233 -7.08 6.15 -8.07
N VAL A 234 -6.19 6.94 -8.64
CA VAL A 234 -6.64 8.04 -9.58
C VAL A 234 -7.52 7.37 -10.64
N ASN A 235 -6.99 6.35 -11.31
CA ASN A 235 -7.72 5.79 -12.45
C ASN A 235 -9.02 5.11 -12.01
N ALA A 236 -9.01 4.41 -10.87
CA ALA A 236 -10.21 3.70 -10.38
C ALA A 236 -11.31 4.74 -10.16
N PHE A 237 -11.01 5.85 -9.50
CA PHE A 237 -12.02 6.85 -9.20
C PHE A 237 -12.38 7.60 -10.46
N TYR A 238 -11.44 7.86 -11.33
CA TYR A 238 -11.74 8.53 -12.64
C TYR A 238 -12.75 7.75 -13.40
N ARG A 239 -12.59 6.44 -13.44
CA ARG A 239 -13.56 5.54 -14.18
C ARG A 239 -14.90 5.55 -13.45
N ARG A 240 -14.92 5.54 -12.15
CA ARG A 240 -16.16 5.29 -11.33
C ARG A 240 -16.94 6.60 -11.09
N CYS A 241 -16.27 7.73 -11.19
CA CYS A 241 -16.96 9.02 -10.85
C CYS A 241 -16.95 9.98 -12.01
N PRO A 242 -17.71 9.64 -13.05
CA PRO A 242 -17.67 10.42 -14.28
C PRO A 242 -18.14 11.86 -14.12
N ASP A 243 -18.94 12.18 -13.14
CA ASP A 243 -19.36 13.58 -12.88
C ASP A 243 -18.51 14.35 -11.93
N LYS A 244 -17.33 13.80 -11.54
CA LYS A 244 -16.44 14.51 -10.64
C LYS A 244 -15.06 14.63 -11.28
N LEU A 245 -14.27 15.55 -10.77
CA LEU A 245 -12.83 15.67 -11.13
C LEU A 245 -12.09 14.74 -10.17
N VAL A 246 -10.91 14.29 -10.61
CA VAL A 246 -9.97 13.61 -9.80
C VAL A 246 -8.68 14.41 -9.76
N PHE A 247 -8.11 14.63 -8.57
CA PHE A 247 -6.81 15.24 -8.44
C PHE A 247 -5.86 14.13 -8.03
N GLY A 248 -4.68 14.08 -8.64
CA GLY A 248 -3.72 13.06 -8.29
C GLY A 248 -2.75 13.55 -7.27
N CYS A 249 -2.37 12.65 -6.37
CA CYS A 249 -1.33 12.88 -5.35
C CYS A 249 -0.65 11.57 -5.09
N GLY A 250 0.66 11.55 -5.13
CA GLY A 250 1.50 10.45 -4.71
C GLY A 250 2.60 10.12 -5.68
N GLY A 251 3.81 10.15 -5.13
CA GLY A 251 4.95 9.77 -5.96
C GLY A 251 5.41 10.69 -7.04
N VAL A 252 4.93 11.94 -7.09
CA VAL A 252 5.38 12.84 -8.16
C VAL A 252 6.72 13.47 -7.83
N TYR A 253 7.74 13.14 -8.65
CA TYR A 253 9.04 13.78 -8.60
C TYR A 253 9.46 14.41 -9.87
N SER A 254 8.74 14.16 -10.94
CA SER A 254 9.13 14.63 -12.26
C SER A 254 7.93 14.95 -13.09
N GLY A 255 8.19 15.64 -14.15
CA GLY A 255 7.12 15.88 -15.13
C GLY A 255 6.58 14.57 -15.74
N GLU A 256 7.40 13.55 -15.87
CA GLU A 256 6.94 12.25 -16.36
C GLU A 256 5.97 11.65 -15.37
N ASP A 257 6.28 11.70 -14.07
CA ASP A 257 5.34 11.16 -13.09
C ASP A 257 4.01 11.91 -13.15
N ALA A 258 4.04 13.24 -13.35
CA ALA A 258 2.83 14.03 -13.50
C ALA A 258 2.04 13.66 -14.74
N PHE A 259 2.75 13.46 -15.81
CA PHE A 259 2.16 12.97 -17.07
C PHE A 259 1.41 11.66 -16.87
N LEU A 260 1.99 10.70 -16.13
CA LEU A 260 1.32 9.48 -15.82
C LEU A 260 0.06 9.72 -15.00
N HIS A 261 0.11 10.58 -13.97
CA HIS A 261 -1.10 10.89 -13.22
C HIS A 261 -2.18 11.47 -14.13
N ILE A 262 -1.82 12.32 -15.06
CA ILE A 262 -2.80 12.98 -15.92
C ILE A 262 -3.38 11.95 -16.91
N LEU A 263 -2.57 11.07 -17.46
CA LEU A 263 -3.05 9.93 -18.28
C LEU A 263 -4.04 9.11 -17.55
N ALA A 264 -3.77 8.85 -16.24
CA ALA A 264 -4.68 8.15 -15.39
C ALA A 264 -5.99 8.81 -15.13
N GLY A 265 -6.07 10.12 -15.25
CA GLY A 265 -7.30 10.91 -15.05
C GLY A 265 -7.13 12.20 -14.24
N ALA A 266 -5.93 12.48 -13.68
CA ALA A 266 -5.78 13.60 -12.81
C ALA A 266 -6.00 14.95 -13.59
N SER A 267 -6.67 15.83 -12.87
CA SER A 267 -6.81 17.27 -13.21
C SER A 267 -5.64 18.00 -12.56
N MET A 268 -5.77 18.33 -11.29
CA MET A 268 -4.63 18.91 -10.57
C MET A 268 -3.75 17.76 -10.11
N VAL A 269 -2.46 18.07 -9.94
CA VAL A 269 -1.40 17.14 -9.54
C VAL A 269 -0.71 17.74 -8.34
N GLN A 270 -0.77 17.01 -7.21
CA GLN A 270 -0.27 17.53 -5.97
C GLN A 270 1.12 16.85 -5.71
N VAL A 271 2.00 17.56 -4.95
CA VAL A 271 3.35 17.13 -4.72
C VAL A 271 3.62 17.29 -3.25
N GLY A 272 3.95 16.17 -2.63
CA GLY A 272 4.13 16.10 -1.17
C GLY A 272 5.64 15.90 -0.90
N THR A 273 6.05 14.64 -0.71
CA THR A 273 7.41 14.28 -0.32
C THR A 273 8.43 14.99 -1.21
N ALA A 274 8.26 14.98 -2.53
CA ALA A 274 9.33 15.60 -3.37
C ALA A 274 9.46 17.10 -3.10
N LEU A 275 8.35 17.77 -2.82
CA LEU A 275 8.36 19.15 -2.47
C LEU A 275 9.00 19.41 -1.11
N GLN A 276 8.67 18.58 -0.12
CA GLN A 276 9.30 18.64 1.18
C GLN A 276 10.81 18.46 1.09
N GLU A 277 11.31 17.65 0.16
CA GLU A 277 12.72 17.38 -0.01
C GLU A 277 13.42 18.40 -0.84
N GLU A 278 12.80 18.86 -1.95
CA GLU A 278 13.48 19.79 -2.91
C GLU A 278 13.18 21.27 -2.69
N GLY A 279 12.06 21.55 -2.07
CA GLY A 279 11.54 22.87 -1.94
C GLY A 279 10.81 23.39 -3.18
N PRO A 280 10.31 24.62 -3.07
CA PRO A 280 9.36 25.11 -4.06
C PRO A 280 9.89 25.32 -5.46
N GLY A 281 11.19 25.38 -5.62
CA GLY A 281 11.81 25.32 -6.90
C GLY A 281 11.36 24.18 -7.75
N ILE A 282 10.87 23.13 -7.13
CA ILE A 282 10.48 21.96 -7.87
C ILE A 282 9.40 22.31 -8.91
N PHE A 283 8.57 23.31 -8.62
CA PHE A 283 7.47 23.61 -9.54
C PHE A 283 7.89 24.07 -10.90
N THR A 284 9.00 24.83 -10.95
CA THR A 284 9.44 25.28 -12.31
C THR A 284 10.00 24.08 -13.08
N ARG A 285 10.72 23.16 -12.41
CA ARG A 285 11.23 21.97 -13.00
C ARG A 285 10.10 21.10 -13.48
N LEU A 286 9.08 20.86 -12.67
CA LEU A 286 8.01 20.03 -13.11
C LEU A 286 7.29 20.54 -14.34
N GLU A 287 7.09 21.85 -14.37
CA GLU A 287 6.42 22.51 -15.49
C GLU A 287 7.22 22.40 -16.78
N ASP A 288 8.53 22.57 -16.68
CA ASP A 288 9.42 22.44 -17.83
C ASP A 288 9.44 21.01 -18.31
N GLU A 289 9.54 20.06 -17.37
CA GLU A 289 9.61 18.64 -17.75
C GLU A 289 8.28 18.17 -18.41
N LEU A 290 7.16 18.57 -17.87
CA LEU A 290 5.90 18.20 -18.46
C LEU A 290 5.73 18.82 -19.84
N LEU A 291 6.07 20.10 -19.99
CA LEU A 291 5.98 20.73 -21.32
C LEU A 291 6.90 20.00 -22.29
N GLU A 292 8.06 19.48 -21.86
CA GLU A 292 8.96 18.82 -22.78
C GLU A 292 8.38 17.52 -23.29
N ILE A 293 7.69 16.75 -22.40
CA ILE A 293 7.07 15.52 -22.83
C ILE A 293 5.92 15.87 -23.79
N MET A 294 5.12 16.85 -23.45
CA MET A 294 4.01 17.26 -24.35
C MET A 294 4.56 17.65 -25.72
N ALA A 295 5.65 18.39 -25.77
CA ALA A 295 6.20 18.82 -27.10
C ALA A 295 6.65 17.61 -27.88
N ARG A 296 7.31 16.66 -27.23
CA ARG A 296 7.78 15.47 -27.93
C ARG A 296 6.65 14.67 -28.53
N LYS A 297 5.51 14.65 -27.87
CA LYS A 297 4.36 13.88 -28.24
C LYS A 297 3.36 14.62 -29.11
N GLY A 298 3.61 15.90 -29.29
CA GLY A 298 2.72 16.78 -30.03
C GLY A 298 1.41 17.15 -29.33
N TYR A 299 1.36 17.05 -27.99
CA TYR A 299 0.22 17.48 -27.22
C TYR A 299 0.27 18.99 -26.92
N ARG A 300 -0.82 19.68 -27.23
CA ARG A 300 -0.88 21.12 -26.94
C ARG A 300 -1.54 21.48 -25.65
N THR A 301 -2.47 20.66 -25.16
CA THR A 301 -3.14 20.97 -23.93
C THR A 301 -3.25 19.68 -23.07
N LEU A 302 -3.60 19.85 -21.79
CA LEU A 302 -3.69 18.72 -20.89
C LEU A 302 -4.93 17.81 -21.24
N GLU A 303 -6.00 18.40 -21.75
CA GLU A 303 -7.22 17.67 -22.08
C GLU A 303 -7.01 16.68 -23.20
N GLU A 304 -5.95 16.92 -23.96
CA GLU A 304 -5.63 16.08 -25.10
C GLU A 304 -5.41 14.67 -24.58
N PHE A 305 -4.77 14.56 -23.40
CA PHE A 305 -4.40 13.23 -22.91
C PHE A 305 -4.90 12.86 -21.54
N ARG A 306 -5.61 13.75 -20.86
CA ARG A 306 -6.11 13.42 -19.52
C ARG A 306 -7.06 12.27 -19.60
N GLY A 307 -6.82 11.21 -18.82
CA GLY A 307 -7.67 10.01 -18.73
C GLY A 307 -7.53 9.07 -19.93
N ARG A 308 -6.57 9.36 -20.80
CA ARG A 308 -6.41 8.61 -22.06
C ARG A 308 -5.40 7.45 -21.95
N VAL A 309 -5.06 6.97 -20.71
CA VAL A 309 -4.28 5.81 -20.58
C VAL A 309 -4.92 4.66 -21.44
N LYS A 310 -4.06 3.94 -22.14
CA LYS A 310 -4.46 2.83 -22.97
C LYS A 310 -4.42 1.57 -22.21
N THR A 311 -5.40 0.69 -22.45
CA THR A 311 -5.33 -0.66 -21.94
C THR A 311 -4.96 -1.62 -23.07
N ILE A 312 -4.59 -2.83 -22.70
CA ILE A 312 -4.12 -3.85 -23.69
C ILE A 312 -5.30 -4.68 -24.16
N GLU A 313 -5.59 -4.69 -25.47
CA GLU A 313 -6.87 -5.31 -25.99
C GLU A 313 -8.11 -4.95 -25.12
N MET B 1 28.90 -17.65 11.29
CA MET B 1 29.19 -19.12 11.08
C MET B 1 28.22 -19.92 10.17
N CYS B 2 27.14 -20.46 10.71
CA CYS B 2 26.06 -21.02 9.85
C CYS B 2 24.71 -20.58 10.41
N LEU B 3 23.74 -20.46 9.46
CA LEU B 3 22.38 -19.78 9.60
C LEU B 3 21.35 -20.83 9.80
N LYS B 4 21.72 -22.13 10.20
CA LYS B 4 20.72 -23.25 10.28
C LYS B 4 19.80 -22.92 11.43
N LEU B 5 18.53 -23.33 11.37
CA LEU B 5 17.53 -23.13 12.43
C LEU B 5 16.38 -24.16 12.37
N ASN B 6 15.60 -24.32 13.44
CA ASN B 6 14.59 -25.33 13.67
CA ASN B 6 14.58 -25.40 13.77
C ASN B 6 13.35 -24.63 13.98
N LEU B 7 12.25 -24.94 13.20
CA LEU B 7 10.93 -24.36 13.30
C LEU B 7 9.88 -25.38 12.88
N LEU B 8 8.73 -25.41 13.51
CA LEU B 8 7.62 -26.27 13.11
C LEU B 8 8.06 -27.79 13.04
N ASP B 9 8.96 -28.18 13.91
CA ASP B 9 9.49 -29.57 13.93
C ASP B 9 10.28 -29.97 12.70
N HIS B 10 10.85 -28.98 12.03
CA HIS B 10 11.72 -29.17 10.91
C HIS B 10 12.99 -28.42 11.07
N VAL B 11 14.03 -28.84 10.41
CA VAL B 11 15.35 -28.19 10.38
C VAL B 11 15.54 -27.52 9.06
N PHE B 12 16.05 -26.29 9.13
CA PHE B 12 16.33 -25.45 7.98
C PHE B 12 17.79 -25.01 7.96
N ALA B 13 18.41 -25.11 6.78
CA ALA B 13 19.88 -24.72 6.55
C ALA B 13 20.06 -23.19 6.76
N ASN B 14 18.98 -22.44 6.51
CA ASN B 14 18.94 -20.97 6.53
C ASN B 14 17.48 -20.55 6.45
N PRO B 15 17.20 -19.22 6.68
CA PRO B 15 15.80 -18.79 6.77
C PRO B 15 15.19 -18.46 5.39
N PHE B 16 15.89 -18.64 4.31
CA PHE B 16 15.40 -18.20 2.99
C PHE B 16 14.58 -19.22 2.26
N MET B 17 13.55 -18.73 1.56
CA MET B 17 12.78 -19.59 0.67
C MET B 17 12.20 -18.72 -0.41
N ASN B 18 11.66 -19.36 -1.47
CA ASN B 18 10.89 -18.59 -2.42
C ASN B 18 9.60 -18.15 -1.80
N ALA B 19 9.04 -17.08 -2.33
CA ALA B 19 7.67 -16.69 -2.16
C ALA B 19 6.73 -17.51 -3.02
N ALA B 20 5.56 -17.88 -2.49
CA ALA B 20 4.65 -18.63 -3.32
C ALA B 20 4.33 -17.95 -4.60
N GLY B 21 4.29 -18.72 -5.66
CA GLY B 21 4.04 -18.27 -7.00
C GLY B 21 5.27 -18.00 -7.87
N VAL B 22 6.43 -17.82 -7.24
CA VAL B 22 7.68 -17.58 -7.94
C VAL B 22 8.54 -18.85 -7.98
N LEU B 23 8.90 -19.29 -9.18
CA LEU B 23 9.75 -20.44 -9.41
C LEU B 23 9.23 -21.71 -8.73
N CYS B 24 7.91 -21.93 -8.78
CA CYS B 24 7.31 -23.04 -8.04
C CYS B 24 6.11 -23.73 -8.70
N SER B 25 5.85 -23.44 -9.96
CA SER B 25 4.66 -23.94 -10.61
C SER B 25 4.74 -25.34 -11.25
N THR B 26 5.88 -25.63 -11.84
CA THR B 26 6.06 -26.87 -12.54
C THR B 26 7.04 -27.79 -11.81
N GLU B 27 7.06 -29.08 -12.18
CA GLU B 27 8.01 -29.99 -11.61
C GLU B 27 9.45 -29.44 -11.80
N GLU B 28 9.73 -28.94 -12.98
CA GLU B 28 11.02 -28.33 -13.26
C GLU B 28 11.33 -27.23 -12.23
N ASP B 29 10.38 -26.32 -12.00
CA ASP B 29 10.56 -25.24 -11.06
C ASP B 29 10.90 -25.76 -9.69
N LEU B 30 10.15 -26.76 -9.22
CA LEU B 30 10.29 -27.27 -7.87
C LEU B 30 11.60 -27.97 -7.71
N ARG B 31 12.04 -28.70 -8.75
CA ARG B 31 13.35 -29.33 -8.70
CA ARG B 31 13.36 -29.33 -8.72
C ARG B 31 14.48 -28.29 -8.68
N CYS B 32 14.23 -27.15 -9.35
CA CYS B 32 15.25 -26.10 -9.42
C CYS B 32 15.33 -25.41 -8.04
N MET B 33 14.20 -25.14 -7.43
CA MET B 33 14.21 -24.59 -6.08
C MET B 33 14.82 -25.55 -5.07
N THR B 34 14.59 -26.86 -5.25
CA THR B 34 15.15 -27.83 -4.34
C THR B 34 16.68 -27.88 -4.51
N ALA B 35 17.15 -27.71 -5.75
CA ALA B 35 18.59 -27.70 -6.01
C ALA B 35 19.34 -26.46 -5.56
N SER B 36 18.62 -25.38 -5.35
CA SER B 36 19.16 -24.13 -4.87
C SER B 36 19.66 -24.22 -3.43
N SER B 37 20.27 -23.13 -3.00
CA SER B 37 20.71 -23.06 -1.61
C SER B 37 19.68 -22.58 -0.65
N SER B 38 18.43 -22.33 -1.13
CA SER B 38 17.37 -21.92 -0.18
C SER B 38 17.22 -22.91 0.98
N GLY B 39 16.78 -22.43 2.13
CA GLY B 39 16.54 -23.32 3.23
C GLY B 39 15.23 -24.09 3.14
N ALA B 40 14.29 -23.61 2.31
CA ALA B 40 12.99 -24.29 2.08
C ALA B 40 12.42 -23.83 0.74
N LEU B 41 11.33 -24.46 0.32
CA LEU B 41 10.56 -24.01 -0.84
C LEU B 41 9.12 -24.14 -0.55
N VAL B 42 8.33 -23.38 -1.30
CA VAL B 42 6.86 -23.45 -1.25
C VAL B 42 6.35 -23.63 -2.71
N SER B 43 5.29 -24.42 -2.87
CA SER B 43 4.73 -24.62 -4.21
C SER B 43 3.73 -23.53 -4.56
N LYS B 44 3.41 -23.37 -5.81
CA LYS B 44 2.44 -22.37 -6.34
C LYS B 44 1.11 -22.62 -5.65
N SER B 45 0.41 -21.57 -5.24
CA SER B 45 -0.98 -21.73 -4.66
C SER B 45 -1.83 -22.44 -5.70
N CYS B 46 -2.55 -23.49 -5.23
CA CYS B 46 -3.35 -24.28 -6.16
C CYS B 46 -4.83 -24.32 -5.87
N THR B 47 -5.50 -24.70 -6.95
CA THR B 47 -6.92 -24.99 -6.89
C THR B 47 -7.10 -26.51 -7.14
N SER B 48 -8.34 -27.01 -6.95
CA SER B 48 -8.57 -28.42 -7.17
C SER B 48 -8.32 -28.82 -8.58
N ALA B 49 -8.74 -27.99 -9.53
CA ALA B 49 -8.49 -28.21 -10.94
C ALA B 49 -7.34 -27.32 -11.46
N PRO B 50 -6.65 -27.73 -12.54
CA PRO B 50 -5.69 -26.85 -13.19
C PRO B 50 -6.31 -25.59 -13.70
N ARG B 51 -5.50 -24.54 -13.76
CA ARG B 51 -5.92 -23.27 -14.36
C ARG B 51 -4.86 -22.78 -15.32
N ASP B 52 -5.33 -22.14 -16.43
CA ASP B 52 -4.44 -21.49 -17.35
C ASP B 52 -4.04 -20.09 -16.86
N GLY B 53 -4.84 -19.49 -15.99
CA GLY B 53 -4.61 -18.10 -15.57
C GLY B 53 -5.06 -17.11 -16.61
N ASN B 54 -4.64 -15.87 -16.40
CA ASN B 54 -5.02 -14.75 -17.24
C ASN B 54 -4.19 -14.61 -18.47
N PRO B 55 -4.70 -13.78 -19.43
CA PRO B 55 -3.97 -13.53 -20.65
C PRO B 55 -2.67 -12.75 -20.40
N GLU B 56 -1.68 -13.04 -21.22
CA GLU B 56 -0.39 -12.38 -21.17
C GLU B 56 -0.41 -11.10 -22.01
N PRO B 57 0.37 -10.08 -21.61
CA PRO B 57 1.26 -10.08 -20.46
C PRO B 57 0.57 -9.88 -19.15
N ARG B 58 1.04 -10.66 -18.18
CA ARG B 58 0.43 -10.67 -16.87
C ARG B 58 1.42 -10.48 -15.65
N TYR B 59 2.69 -10.33 -15.94
CA TYR B 59 3.72 -9.97 -15.01
C TYR B 59 4.67 -9.06 -15.73
N MET B 60 5.08 -7.98 -15.03
CA MET B 60 6.17 -7.17 -15.47
C MET B 60 6.97 -6.63 -14.35
N ALA B 61 8.26 -6.49 -14.56
CA ALA B 61 9.18 -5.95 -13.56
C ALA B 61 9.92 -4.77 -14.02
N PHE B 62 10.34 -3.98 -13.03
CA PHE B 62 10.93 -2.64 -13.16
C PHE B 62 11.95 -2.47 -12.07
N PRO B 63 12.74 -1.39 -12.13
CA PRO B 63 13.75 -1.18 -11.13
C PRO B 63 13.29 -1.20 -9.67
N LEU B 64 12.07 -0.70 -9.46
CA LEU B 64 11.55 -0.66 -8.13
C LEU B 64 10.59 -1.79 -7.74
N GLY B 65 10.31 -2.70 -8.67
CA GLY B 65 9.53 -3.85 -8.33
C GLY B 65 8.71 -4.42 -9.45
N SER B 66 7.65 -5.08 -9.11
CA SER B 66 6.88 -5.82 -10.09
C SER B 66 5.38 -5.61 -9.89
N ILE B 67 4.65 -5.87 -10.97
CA ILE B 67 3.18 -5.91 -10.98
C ILE B 67 2.74 -7.23 -11.62
N ASN B 68 1.71 -7.84 -11.05
CA ASN B 68 1.16 -9.04 -11.65
C ASN B 68 -0.33 -9.16 -11.41
N SER B 69 -0.95 -9.77 -12.49
CA SER B 69 -2.32 -10.33 -12.37
C SER B 69 -2.27 -11.71 -13.00
N MET B 70 -1.55 -12.65 -12.38
CA MET B 70 -1.36 -13.95 -13.02
C MET B 70 -2.65 -14.67 -13.21
N GLY B 71 -3.58 -14.58 -12.26
CA GLY B 71 -4.82 -15.34 -12.36
C GLY B 71 -4.75 -16.75 -11.89
N LEU B 72 -3.84 -17.00 -11.00
CA LEU B 72 -3.60 -18.32 -10.41
C LEU B 72 -3.43 -19.44 -11.44
N PRO B 73 -2.55 -19.27 -12.43
CA PRO B 73 -2.19 -20.42 -13.27
C PRO B 73 -1.54 -21.44 -12.38
N ASN B 74 -1.96 -22.71 -12.53
CA ASN B 74 -1.37 -23.78 -11.71
C ASN B 74 -1.72 -25.11 -12.27
N LEU B 75 -0.95 -26.11 -11.85
CA LEU B 75 -1.10 -27.46 -12.44
C LEU B 75 -2.20 -28.30 -11.71
N GLY B 76 -2.85 -27.72 -10.73
CA GLY B 76 -3.92 -28.33 -9.96
C GLY B 76 -3.40 -29.10 -8.78
N PHE B 77 -4.28 -29.24 -7.79
CA PHE B 77 -3.87 -29.83 -6.54
C PHE B 77 -3.32 -31.25 -6.68
N ASP B 78 -3.89 -32.09 -7.58
CA ASP B 78 -3.37 -33.43 -7.66
C ASP B 78 -1.83 -33.52 -7.96
N PHE B 79 -1.41 -32.60 -8.84
CA PHE B 79 0.01 -32.48 -9.16
C PHE B 79 0.86 -32.11 -7.91
N TYR B 80 0.44 -31.03 -7.24
CA TYR B 80 1.21 -30.58 -6.11
C TYR B 80 1.24 -31.61 -4.99
N LEU B 81 0.10 -32.28 -4.72
CA LEU B 81 0.06 -33.35 -3.78
C LEU B 81 1.03 -34.51 -4.14
N LYS B 82 1.01 -34.90 -5.43
CA LYS B 82 1.93 -35.89 -5.95
C LYS B 82 3.38 -35.51 -5.79
N TYR B 83 3.67 -34.24 -6.05
CA TYR B 83 4.99 -33.76 -5.84
C TYR B 83 5.41 -33.92 -4.37
N ALA B 84 4.54 -33.52 -3.47
CA ALA B 84 4.78 -33.64 -2.00
C ALA B 84 4.93 -35.12 -1.57
N SER B 85 4.11 -35.99 -2.15
CA SER B 85 4.02 -37.37 -1.65
C SER B 85 5.07 -38.25 -2.22
N ASP B 86 5.41 -38.07 -3.50
CA ASP B 86 6.26 -38.97 -4.26
C ASP B 86 7.55 -38.40 -4.81
N LEU B 87 7.62 -37.09 -5.09
CA LEU B 87 8.76 -36.58 -5.83
C LEU B 87 9.75 -35.76 -4.99
N HIS B 88 9.29 -34.99 -4.02
CA HIS B 88 10.18 -34.16 -3.28
C HIS B 88 11.14 -34.93 -2.45
N ASP B 89 12.41 -34.47 -2.44
CA ASP B 89 13.45 -35.06 -1.64
C ASP B 89 13.57 -34.27 -0.31
N TYR B 90 12.89 -34.77 0.69
CA TYR B 90 12.85 -34.17 2.07
C TYR B 90 14.22 -34.09 2.74
N SER B 91 15.16 -34.87 2.24
CA SER B 91 16.53 -34.83 2.81
C SER B 91 17.25 -33.57 2.38
N LYS B 92 16.75 -32.89 1.33
CA LYS B 92 17.38 -31.68 0.85
C LYS B 92 16.89 -30.43 1.62
N LYS B 93 15.56 -30.33 1.85
CA LYS B 93 14.99 -29.18 2.57
C LYS B 93 13.51 -29.41 2.77
N PRO B 94 12.89 -28.69 3.71
CA PRO B 94 11.45 -28.80 3.87
C PRO B 94 10.65 -28.23 2.70
N LEU B 95 9.46 -28.73 2.55
CA LEU B 95 8.52 -28.29 1.55
C LEU B 95 7.27 -27.76 2.21
N PHE B 96 6.78 -26.59 1.72
CA PHE B 96 5.53 -26.01 2.02
C PHE B 96 4.65 -26.14 0.76
N LEU B 97 3.40 -26.52 0.95
CA LEU B 97 2.42 -26.53 -0.13
C LEU B 97 1.36 -25.44 0.11
N SER B 98 1.17 -24.55 -0.87
CA SER B 98 0.21 -23.48 -0.75
C SER B 98 -1.07 -23.80 -1.52
N ILE B 99 -2.17 -23.55 -0.84
CA ILE B 99 -3.45 -23.74 -1.44
C ILE B 99 -4.29 -22.46 -1.41
N SER B 100 -5.01 -22.21 -2.50
CA SER B 100 -5.93 -21.07 -2.61
C SER B 100 -7.20 -21.41 -3.40
N GLY B 101 -8.09 -22.20 -2.83
CA GLY B 101 -9.33 -22.53 -3.50
C GLY B 101 -10.26 -21.35 -3.60
N LEU B 102 -11.25 -21.45 -4.51
CA LEU B 102 -12.21 -20.35 -4.78
C LEU B 102 -13.40 -20.35 -3.85
N SER B 103 -13.47 -21.32 -2.92
CA SER B 103 -14.50 -21.34 -1.87
C SER B 103 -14.00 -22.05 -0.71
N VAL B 104 -14.73 -21.94 0.39
CA VAL B 104 -14.36 -22.65 1.56
C VAL B 104 -14.42 -24.15 1.33
N GLU B 105 -15.46 -24.60 0.58
CA GLU B 105 -15.57 -25.99 0.31
C GLU B 105 -14.43 -26.61 -0.44
N GLU B 106 -13.90 -25.89 -1.42
CA GLU B 106 -12.77 -26.38 -2.17
C GLU B 106 -11.53 -26.48 -1.32
N ASN B 107 -11.32 -25.43 -0.52
CA ASN B 107 -10.19 -25.52 0.44
C ASN B 107 -10.30 -26.75 1.37
N VAL B 108 -11.49 -26.98 1.94
CA VAL B 108 -11.68 -28.09 2.84
C VAL B 108 -11.45 -29.41 2.14
N ALA B 109 -11.93 -29.50 0.91
CA ALA B 109 -11.68 -30.69 0.19
C ALA B 109 -10.20 -30.97 -0.08
N MET B 110 -9.43 -29.91 -0.40
CA MET B 110 -8.02 -30.11 -0.63
C MET B 110 -7.33 -30.49 0.71
N VAL B 111 -7.65 -29.78 1.81
CA VAL B 111 -6.87 -30.03 3.02
C VAL B 111 -7.17 -31.44 3.60
N ARG B 112 -8.38 -31.97 3.34
CA ARG B 112 -8.68 -33.33 3.84
C ARG B 112 -7.76 -34.29 3.14
N ARG B 113 -7.43 -34.05 1.85
CA ARG B 113 -6.49 -34.96 1.18
C ARG B 113 -5.02 -34.73 1.52
N LEU B 114 -4.69 -33.47 1.87
CA LEU B 114 -3.35 -33.18 2.22
C LEU B 114 -2.94 -33.74 3.57
N ALA B 115 -3.88 -33.79 4.54
CA ALA B 115 -3.59 -34.17 5.93
C ALA B 115 -2.80 -35.45 6.03
N PRO B 116 -3.29 -36.55 5.38
CA PRO B 116 -2.48 -37.76 5.45
C PRO B 116 -1.05 -37.70 4.93
N VAL B 117 -0.86 -36.91 3.85
CA VAL B 117 0.49 -36.67 3.32
C VAL B 117 1.37 -35.81 4.24
N ALA B 118 0.76 -34.79 4.85
CA ALA B 118 1.45 -34.04 5.90
C ALA B 118 1.88 -34.93 7.06
N GLN B 119 1.00 -35.84 7.53
CA GLN B 119 1.41 -36.80 8.51
C GLN B 119 2.55 -37.65 8.10
N GLU B 120 2.47 -38.18 6.89
CA GLU B 120 3.41 -39.19 6.41
C GLU B 120 4.79 -38.59 6.07
N LYS B 121 4.80 -37.42 5.41
CA LYS B 121 6.00 -36.87 4.80
C LYS B 121 6.48 -35.56 5.50
N GLY B 122 5.58 -34.89 6.18
CA GLY B 122 5.95 -33.64 6.86
C GLY B 122 5.86 -32.38 5.97
N VAL B 123 5.25 -32.48 4.81
CA VAL B 123 4.90 -31.26 4.02
C VAL B 123 4.11 -30.32 4.92
N LEU B 124 4.31 -28.99 4.77
CA LEU B 124 3.67 -28.04 5.62
C LEU B 124 2.68 -27.18 4.79
N LEU B 125 1.48 -26.92 5.25
CA LEU B 125 0.44 -26.17 4.53
C LEU B 125 0.61 -24.67 4.78
N GLU B 126 0.61 -23.90 3.68
CA GLU B 126 0.41 -22.46 3.70
C GLU B 126 -0.89 -22.14 2.99
N LEU B 127 -1.88 -21.63 3.71
CA LEU B 127 -3.16 -21.28 3.19
C LEU B 127 -3.20 -19.86 2.73
N ASN B 128 -3.39 -19.63 1.42
CA ASN B 128 -3.37 -18.25 0.89
C ASN B 128 -4.75 -17.66 1.01
N LEU B 129 -4.94 -16.69 1.94
CA LEU B 129 -6.22 -16.05 2.21
C LEU B 129 -6.51 -14.84 1.38
N SER B 130 -5.70 -14.55 0.39
CA SER B 130 -6.06 -13.53 -0.65
C SER B 130 -6.62 -14.43 -1.72
N CYS B 131 -7.72 -15.08 -1.45
CA CYS B 131 -8.50 -15.82 -2.42
C CYS B 131 -9.89 -15.19 -2.56
N PRO B 132 -10.59 -15.57 -3.62
CA PRO B 132 -11.81 -14.93 -3.98
C PRO B 132 -12.92 -15.20 -2.97
N ASN B 133 -13.83 -14.23 -2.88
CA ASN B 133 -14.92 -14.33 -1.88
C ASN B 133 -16.27 -14.29 -2.58
N VAL B 134 -17.34 -14.30 -1.81
CA VAL B 134 -18.68 -14.19 -2.35
C VAL B 134 -18.99 -12.83 -2.99
N PRO B 135 -20.10 -12.75 -3.78
CA PRO B 135 -20.30 -11.49 -4.50
C PRO B 135 -20.30 -10.26 -3.66
N GLY B 136 -19.64 -9.22 -4.21
CA GLY B 136 -19.63 -7.87 -3.59
C GLY B 136 -18.70 -7.65 -2.44
N LYS B 137 -18.00 -8.71 -1.99
CA LYS B 137 -17.11 -8.70 -0.87
C LYS B 137 -15.64 -8.68 -1.36
N PRO B 138 -14.76 -8.16 -0.51
CA PRO B 138 -13.37 -8.13 -0.89
C PRO B 138 -12.73 -9.49 -0.69
N GLN B 139 -11.46 -9.62 -1.02
CA GLN B 139 -10.74 -10.89 -0.78
C GLN B 139 -10.84 -11.37 0.65
N VAL B 140 -10.90 -12.67 0.82
CA VAL B 140 -11.27 -13.29 2.05
C VAL B 140 -10.56 -12.61 3.24
N ALA B 141 -9.26 -12.33 3.14
CA ALA B 141 -8.56 -11.82 4.37
C ALA B 141 -8.93 -10.39 4.66
N TYR B 142 -9.63 -9.68 3.73
CA TYR B 142 -10.13 -8.35 4.01
C TYR B 142 -11.62 -8.40 4.54
N ASP B 143 -12.15 -9.60 4.63
CA ASP B 143 -13.45 -9.83 5.23
C ASP B 143 -13.06 -10.64 6.42
N PHE B 144 -13.34 -10.12 7.61
CA PHE B 144 -12.85 -10.80 8.81
C PHE B 144 -13.81 -11.95 9.20
N GLU B 145 -15.09 -11.81 8.89
CA GLU B 145 -16.01 -12.92 9.14
C GLU B 145 -15.76 -14.09 8.23
N ALA B 146 -15.46 -13.83 6.97
CA ALA B 146 -15.15 -14.88 6.02
C ALA B 146 -13.87 -15.56 6.49
N MET B 147 -12.95 -14.73 6.97
CA MET B 147 -11.63 -15.22 7.37
C MET B 147 -11.73 -16.21 8.53
N ARG B 148 -12.60 -15.89 9.48
CA ARG B 148 -12.87 -16.72 10.67
C ARG B 148 -13.52 -18.03 10.17
N THR B 149 -14.49 -17.94 9.31
CA THR B 149 -15.11 -19.19 8.68
C THR B 149 -14.15 -20.10 7.98
N TYR B 150 -13.27 -19.50 7.17
CA TYR B 150 -12.32 -20.30 6.48
C TYR B 150 -11.42 -21.04 7.45
N LEU B 151 -10.91 -20.32 8.46
CA LEU B 151 -10.00 -20.92 9.42
C LEU B 151 -10.68 -21.96 10.29
N GLN B 152 -11.95 -21.73 10.57
CA GLN B 152 -12.70 -22.71 11.40
C GLN B 152 -12.83 -24.04 10.63
N GLN B 153 -13.23 -23.89 9.37
CA GLN B 153 -13.43 -25.06 8.51
C GLN B 153 -12.14 -25.77 8.17
N VAL B 154 -11.08 -25.00 7.86
CA VAL B 154 -9.85 -25.64 7.54
C VAL B 154 -9.24 -26.31 8.76
N SER B 155 -9.28 -25.63 9.88
CA SER B 155 -8.78 -26.22 11.11
C SER B 155 -9.46 -27.58 11.43
N LEU B 156 -10.76 -27.61 11.30
CA LEU B 156 -11.49 -28.84 11.62
C LEU B 156 -11.19 -29.94 10.58
N ALA B 157 -11.14 -29.59 9.32
CA ALA B 157 -10.89 -30.53 8.21
C ALA B 157 -9.43 -31.08 8.18
N TYR B 158 -8.48 -30.20 8.52
CA TYR B 158 -7.12 -30.50 8.44
C TYR B 158 -6.56 -31.07 9.71
N GLY B 159 -6.84 -30.40 10.83
CA GLY B 159 -6.47 -30.93 12.15
C GLY B 159 -5.00 -30.97 12.54
N LEU B 160 -4.14 -30.33 11.76
CA LEU B 160 -2.71 -30.32 11.93
C LEU B 160 -2.21 -28.91 11.88
N PRO B 161 -1.03 -28.65 12.43
CA PRO B 161 -0.45 -27.26 12.33
C PRO B 161 -0.32 -26.82 10.85
N PHE B 162 -0.71 -25.56 10.60
CA PHE B 162 -0.58 -24.91 9.31
C PHE B 162 -0.30 -23.41 9.47
N GLY B 163 -0.07 -22.77 8.34
CA GLY B 163 0.10 -21.35 8.30
C GLY B 163 -0.81 -20.70 7.33
N VAL B 164 -0.81 -19.38 7.43
CA VAL B 164 -1.58 -18.55 6.56
C VAL B 164 -0.78 -17.42 5.89
N LYS B 165 -1.06 -17.19 4.61
CA LYS B 165 -0.47 -16.12 3.86
C LYS B 165 -1.50 -14.96 3.80
N MET B 166 -1.06 -13.78 4.33
CA MET B 166 -1.86 -12.58 4.50
C MET B 166 -1.54 -11.52 3.53
N PRO B 167 -2.56 -10.79 3.07
CA PRO B 167 -2.35 -9.53 2.45
C PRO B 167 -1.90 -8.47 3.45
N PRO B 168 -1.29 -7.39 2.91
CA PRO B 168 -1.02 -6.32 3.80
C PRO B 168 -2.25 -5.53 4.30
N TYR B 169 -2.09 -5.05 5.52
CA TYR B 169 -3.06 -4.09 6.11
C TYR B 169 -2.38 -2.78 6.39
N PHE B 170 -3.22 -1.72 6.40
CA PHE B 170 -2.78 -0.34 6.42
C PHE B 170 -3.36 0.49 7.54
N ASP B 171 -4.07 -0.16 8.47
CA ASP B 171 -4.79 0.53 9.52
C ASP B 171 -4.62 -0.27 10.81
N ILE B 172 -4.27 0.42 11.89
CA ILE B 172 -3.97 -0.28 13.18
C ILE B 172 -5.18 -1.08 13.65
N ALA B 173 -6.39 -0.55 13.50
CA ALA B 173 -7.59 -1.31 13.90
C ALA B 173 -7.65 -2.62 13.12
N HIS B 174 -7.32 -2.59 11.83
CA HIS B 174 -7.30 -3.80 11.06
C HIS B 174 -6.26 -4.79 11.54
N PHE B 175 -5.05 -4.33 11.85
CA PHE B 175 -4.05 -5.21 12.49
C PHE B 175 -4.69 -5.86 13.71
N ASP B 176 -5.31 -5.03 14.56
CA ASP B 176 -5.88 -5.62 15.80
C ASP B 176 -6.94 -6.67 15.48
N THR B 177 -7.83 -6.42 14.54
CA THR B 177 -8.91 -7.32 14.29
C THR B 177 -8.36 -8.61 13.66
N ALA B 178 -7.44 -8.47 12.71
CA ALA B 178 -6.96 -9.61 11.96
C ALA B 178 -6.17 -10.53 12.86
N ALA B 179 -5.29 -9.96 13.70
CA ALA B 179 -4.48 -10.79 14.57
C ALA B 179 -5.40 -11.51 15.56
N ALA B 180 -6.40 -10.82 16.06
CA ALA B 180 -7.39 -11.45 16.95
C ALA B 180 -8.10 -12.62 16.30
N VAL B 181 -8.47 -12.51 15.05
CA VAL B 181 -9.03 -13.66 14.33
C VAL B 181 -8.01 -14.80 14.36
N LEU B 182 -6.77 -14.52 13.91
CA LEU B 182 -5.80 -15.60 13.82
C LEU B 182 -5.51 -16.29 15.13
N ASN B 183 -5.51 -15.49 16.18
CA ASN B 183 -5.23 -16.04 17.52
C ASN B 183 -6.43 -16.89 18.07
N GLU B 184 -7.56 -16.93 17.37
CA GLU B 184 -8.62 -17.91 17.73
C GLU B 184 -8.28 -19.30 17.36
N PHE B 185 -7.25 -19.49 16.51
CA PHE B 185 -6.97 -20.81 15.88
C PHE B 185 -5.63 -21.30 16.31
N PRO B 186 -5.57 -22.20 17.27
CA PRO B 186 -4.31 -22.67 17.72
C PRO B 186 -3.50 -23.45 16.69
N LEU B 187 -4.18 -24.03 15.71
CA LEU B 187 -3.49 -24.75 14.67
C LEU B 187 -2.74 -23.85 13.72
N VAL B 188 -3.06 -22.56 13.79
CA VAL B 188 -2.32 -21.60 12.88
C VAL B 188 -1.03 -21.27 13.56
N LYS B 189 0.05 -21.90 13.11
CA LYS B 189 1.34 -21.83 13.81
C LYS B 189 2.31 -20.81 13.15
N PHE B 190 2.03 -20.38 11.91
CA PHE B 190 2.85 -19.31 11.26
C PHE B 190 1.93 -18.42 10.45
N VAL B 191 2.35 -17.17 10.29
CA VAL B 191 1.60 -16.14 9.58
C VAL B 191 2.68 -15.60 8.63
N THR B 192 2.39 -15.62 7.34
CA THR B 192 3.31 -15.06 6.34
C THR B 192 2.80 -13.70 5.90
N CYS B 193 3.62 -12.70 6.15
CA CYS B 193 3.26 -11.27 5.91
C CYS B 193 4.33 -10.77 4.98
N VAL B 194 4.10 -10.43 3.69
CA VAL B 194 2.82 -10.17 3.06
C VAL B 194 2.76 -10.68 1.64
N ASN B 195 1.51 -10.89 1.18
CA ASN B 195 1.18 -10.97 -0.22
C ASN B 195 1.39 -9.61 -0.92
N SER B 196 1.22 -9.55 -2.22
CA SER B 196 1.40 -8.32 -2.93
C SER B 196 0.46 -7.23 -2.46
N VAL B 197 0.92 -6.00 -2.62
CA VAL B 197 0.06 -4.82 -2.31
C VAL B 197 -0.95 -4.65 -3.49
N GLY B 198 -2.20 -4.82 -3.19
CA GLY B 198 -3.22 -5.08 -4.16
C GLY B 198 -3.50 -3.91 -5.09
N ASN B 199 -3.78 -4.27 -6.36
CA ASN B 199 -4.39 -3.36 -7.30
C ASN B 199 -3.63 -2.02 -7.43
N GLY B 200 -2.35 -2.13 -7.65
CA GLY B 200 -1.58 -1.04 -8.19
C GLY B 200 -1.71 -0.90 -9.69
N LEU B 201 -1.13 0.13 -10.26
CA LEU B 201 -1.28 0.40 -11.72
C LEU B 201 0.00 1.03 -12.19
N VAL B 202 0.73 0.29 -13.04
CA VAL B 202 1.93 0.77 -13.65
C VAL B 202 1.61 1.21 -15.09
N ILE B 203 2.05 2.42 -15.46
CA ILE B 203 1.76 3.01 -16.76
C ILE B 203 3.14 3.36 -17.42
N ASP B 204 3.27 3.02 -18.66
CA ASP B 204 4.46 3.38 -19.48
C ASP B 204 4.27 4.72 -20.13
N ALA B 205 5.15 5.68 -19.80
CA ALA B 205 4.96 7.00 -20.39
C ALA B 205 5.10 7.03 -21.92
N GLU B 206 6.04 6.28 -22.46
CA GLU B 206 6.32 6.29 -23.91
C GLU B 206 5.16 5.80 -24.77
N SER B 207 4.51 4.73 -24.32
CA SER B 207 3.40 4.12 -25.04
C SER B 207 2.04 4.61 -24.56
N GLU B 208 2.08 5.33 -23.41
CA GLU B 208 0.83 5.78 -22.79
C GLU B 208 -0.09 4.70 -22.41
N SER B 209 0.46 3.53 -22.12
CA SER B 209 -0.30 2.31 -21.89
C SER B 209 0.03 1.67 -20.55
N VAL B 210 -1.00 1.02 -20.00
CA VAL B 210 -0.72 0.05 -18.95
C VAL B 210 0.21 -1.07 -19.46
N VAL B 211 0.82 -1.82 -18.54
CA VAL B 211 1.88 -2.80 -18.88
C VAL B 211 1.49 -4.29 -18.70
N ILE B 212 0.36 -4.55 -18.06
CA ILE B 212 -0.22 -5.86 -18.07
C ILE B 212 -1.66 -5.80 -18.63
N LYS B 213 -2.03 -6.91 -19.29
CA LYS B 213 -3.31 -7.02 -20.01
C LYS B 213 -4.52 -7.24 -19.14
N PRO B 214 -4.51 -8.14 -18.15
CA PRO B 214 -5.73 -8.36 -17.36
C PRO B 214 -6.11 -7.11 -16.53
N LYS B 215 -7.39 -7.07 -16.17
CA LYS B 215 -7.88 -6.10 -15.19
C LYS B 215 -7.50 -4.66 -15.54
N GLN B 216 -7.51 -4.28 -16.83
CA GLN B 216 -7.22 -2.94 -17.31
C GLN B 216 -5.90 -2.44 -16.74
N GLY B 217 -4.93 -3.36 -16.49
CA GLY B 217 -3.59 -3.02 -16.09
C GLY B 217 -3.37 -3.07 -14.56
N PHE B 218 -4.43 -3.31 -13.76
CA PHE B 218 -4.32 -3.32 -12.29
C PHE B 218 -3.76 -4.68 -11.89
N GLY B 219 -2.86 -4.69 -10.89
CA GLY B 219 -2.28 -5.91 -10.39
C GLY B 219 -1.55 -5.67 -9.12
N GLY B 220 -1.19 -6.75 -8.49
CA GLY B 220 -0.51 -6.66 -7.21
C GLY B 220 0.95 -6.29 -7.37
N LEU B 221 1.40 -5.48 -6.40
CA LEU B 221 2.77 -4.96 -6.39
C LEU B 221 3.65 -5.79 -5.51
N GLY B 222 4.89 -5.97 -5.98
CA GLY B 222 5.93 -6.57 -5.16
C GLY B 222 7.23 -5.76 -5.33
N GLY B 223 8.24 -6.18 -4.54
CA GLY B 223 9.52 -5.59 -4.66
C GLY B 223 9.81 -4.36 -3.83
N LYS B 224 10.72 -3.46 -4.33
CA LYS B 224 11.12 -2.33 -3.47
C LYS B 224 10.02 -1.44 -3.02
N TYR B 225 9.00 -1.31 -3.85
CA TYR B 225 7.81 -0.51 -3.48
C TYR B 225 7.25 -0.87 -2.11
N ILE B 226 7.36 -2.16 -1.71
CA ILE B 226 6.54 -2.69 -0.65
C ILE B 226 7.29 -3.03 0.66
N LEU B 227 8.59 -2.75 0.70
CA LEU B 227 9.38 -3.21 1.89
C LEU B 227 8.89 -2.55 3.18
N PRO B 228 8.62 -1.24 3.22
CA PRO B 228 8.20 -0.71 4.53
C PRO B 228 6.80 -1.24 4.92
N THR B 229 5.93 -1.45 3.94
CA THR B 229 4.63 -2.11 4.19
C THR B 229 4.83 -3.48 4.79
N ALA B 230 5.68 -4.26 4.14
CA ALA B 230 5.97 -5.63 4.57
C ALA B 230 6.48 -5.66 5.98
N LEU B 231 7.48 -4.83 6.28
CA LEU B 231 8.06 -4.73 7.61
C LEU B 231 7.02 -4.43 8.65
N ALA B 232 6.15 -3.46 8.35
CA ALA B 232 5.08 -3.08 9.28
C ALA B 232 4.16 -4.22 9.58
N ASN B 233 3.79 -5.00 8.56
CA ASN B 233 2.92 -6.09 8.78
C ASN B 233 3.58 -7.22 9.57
N VAL B 234 4.83 -7.51 9.24
CA VAL B 234 5.59 -8.51 10.00
C VAL B 234 5.58 -8.05 11.44
N ASN B 235 5.98 -6.84 11.73
CA ASN B 235 6.16 -6.43 13.13
C ASN B 235 4.79 -6.41 13.82
N ALA B 236 3.76 -5.91 13.15
CA ALA B 236 2.42 -5.83 13.78
C ALA B 236 1.96 -7.19 14.21
N PHE B 237 2.06 -8.21 13.33
CA PHE B 237 1.67 -9.57 13.70
C PHE B 237 2.66 -10.20 14.68
N TYR B 238 3.96 -9.92 14.59
CA TYR B 238 4.90 -10.44 15.58
C TYR B 238 4.48 -9.99 16.96
N ARG B 239 4.11 -8.72 17.10
CA ARG B 239 3.70 -8.16 18.37
C ARG B 239 2.40 -8.79 18.87
N ARG B 240 1.49 -9.00 17.97
CA ARG B 240 0.12 -9.41 18.29
C ARG B 240 -0.03 -10.92 18.44
N CYS B 241 0.88 -11.71 17.89
CA CYS B 241 0.71 -13.16 17.87
C CYS B 241 1.95 -13.81 18.49
N PRO B 242 2.16 -13.62 19.81
CA PRO B 242 3.33 -14.16 20.48
C PRO B 242 3.46 -15.63 20.47
N ASP B 243 2.39 -16.38 20.33
CA ASP B 243 2.48 -17.85 20.33
C ASP B 243 2.50 -18.39 18.92
N LYS B 244 2.74 -17.52 17.90
CA LYS B 244 2.86 -17.98 16.53
C LYS B 244 4.25 -17.52 16.00
N LEU B 245 4.65 -18.11 14.89
CA LEU B 245 5.82 -17.65 14.11
C LEU B 245 5.27 -16.65 13.06
N VAL B 246 6.12 -15.71 12.65
CA VAL B 246 5.84 -14.83 11.53
C VAL B 246 6.88 -15.10 10.50
N PHE B 247 6.46 -15.28 9.25
CA PHE B 247 7.39 -15.36 8.10
C PHE B 247 7.29 -14.07 7.33
N GLY B 248 8.44 -13.45 6.99
CA GLY B 248 8.39 -12.19 6.26
C GLY B 248 8.48 -12.40 4.78
N CYS B 249 7.75 -11.63 4.03
CA CYS B 249 7.83 -11.60 2.60
C CYS B 249 7.51 -10.20 2.12
N GLY B 250 8.35 -9.68 1.26
CA GLY B 250 8.09 -8.41 0.58
C GLY B 250 9.32 -7.54 0.54
N GLY B 251 9.76 -7.25 -0.67
CA GLY B 251 10.88 -6.34 -0.83
C GLY B 251 12.22 -6.81 -0.48
N VAL B 252 12.46 -8.11 -0.40
CA VAL B 252 13.77 -8.61 -0.09
C VAL B 252 14.60 -8.70 -1.38
N TYR B 253 15.69 -7.94 -1.41
CA TYR B 253 16.66 -8.02 -2.51
C TYR B 253 18.05 -8.25 -1.99
N SER B 254 18.28 -8.15 -0.70
CA SER B 254 19.63 -8.24 -0.11
C SER B 254 19.60 -8.78 1.25
N GLY B 255 20.76 -9.21 1.72
CA GLY B 255 20.87 -9.65 3.12
C GLY B 255 20.50 -8.57 4.15
N GLU B 256 20.75 -7.32 3.80
CA GLU B 256 20.32 -6.18 4.61
C GLU B 256 18.80 -6.11 4.71
N ASP B 257 18.11 -6.38 3.60
CA ASP B 257 16.66 -6.37 3.64
C ASP B 257 16.12 -7.51 4.45
N ALA B 258 16.73 -8.70 4.35
CA ALA B 258 16.42 -9.87 5.20
C ALA B 258 16.62 -9.60 6.69
N PHE B 259 17.75 -8.96 6.98
CA PHE B 259 18.10 -8.53 8.31
C PHE B 259 17.00 -7.66 8.92
N LEU B 260 16.46 -6.69 8.15
CA LEU B 260 15.40 -5.90 8.64
C LEU B 260 14.11 -6.70 8.91
N HIS B 261 13.78 -7.65 7.99
CA HIS B 261 12.64 -8.49 8.23
C HIS B 261 12.79 -9.30 9.55
N ILE B 262 14.01 -9.83 9.77
CA ILE B 262 14.24 -10.56 10.98
C ILE B 262 14.18 -9.67 12.21
N LEU B 263 14.74 -8.48 12.15
CA LEU B 263 14.61 -7.53 13.29
C LEU B 263 13.17 -7.24 13.62
N ALA B 264 12.33 -7.15 12.54
CA ALA B 264 10.90 -6.95 12.69
C ALA B 264 10.15 -8.10 13.29
N GLY B 265 10.74 -9.30 13.24
CA GLY B 265 10.11 -10.47 13.80
C GLY B 265 10.11 -11.73 12.90
N ALA B 266 10.61 -11.71 11.67
CA ALA B 266 10.55 -12.85 10.76
C ALA B 266 11.41 -14.00 11.22
N SER B 267 10.81 -15.19 11.14
CA SER B 267 11.50 -16.48 11.28
C SER B 267 12.04 -16.93 9.97
N MET B 268 11.20 -17.14 8.97
CA MET B 268 11.66 -17.43 7.63
C MET B 268 11.45 -16.11 6.85
N VAL B 269 12.25 -15.98 5.74
CA VAL B 269 12.22 -14.78 4.87
C VAL B 269 12.03 -15.36 3.48
N GLN B 270 11.00 -14.86 2.81
CA GLN B 270 10.56 -15.34 1.50
C GLN B 270 10.96 -14.28 0.49
N VAL B 271 11.29 -14.73 -0.72
CA VAL B 271 11.78 -13.87 -1.79
C VAL B 271 10.95 -14.09 -3.06
N GLY B 272 10.25 -13.05 -3.56
CA GLY B 272 9.40 -13.15 -4.71
C GLY B 272 10.00 -12.44 -5.87
N THR B 273 9.69 -11.16 -6.03
CA THR B 273 10.16 -10.42 -7.19
C THR B 273 11.63 -10.50 -7.43
N ALA B 274 12.45 -10.39 -6.39
CA ALA B 274 13.91 -10.38 -6.65
C ALA B 274 14.41 -11.77 -7.16
N LEU B 275 13.74 -12.81 -6.73
CA LEU B 275 14.01 -14.16 -7.18
C LEU B 275 13.57 -14.35 -8.61
N GLN B 276 12.38 -13.83 -8.94
CA GLN B 276 11.86 -13.87 -10.35
C GLN B 276 12.86 -13.12 -11.25
N GLU B 277 13.49 -12.06 -10.79
CA GLU B 277 14.36 -11.25 -11.62
C GLU B 277 15.73 -11.79 -11.69
N GLU B 278 16.28 -12.32 -10.59
CA GLU B 278 17.71 -12.66 -10.49
C GLU B 278 17.92 -14.15 -10.70
N GLY B 279 16.93 -14.98 -10.38
CA GLY B 279 17.04 -16.37 -10.44
C GLY B 279 17.56 -16.94 -9.10
N PRO B 280 17.71 -18.29 -9.01
CA PRO B 280 17.94 -18.98 -7.75
C PRO B 280 19.31 -18.79 -7.16
N GLY B 281 20.25 -18.30 -8.00
CA GLY B 281 21.56 -17.91 -7.45
C GLY B 281 21.44 -16.81 -6.37
N ILE B 282 20.29 -16.10 -6.35
CA ILE B 282 20.13 -15.08 -5.32
C ILE B 282 20.28 -15.65 -3.93
N PHE B 283 19.99 -16.95 -3.69
CA PHE B 283 20.05 -17.49 -2.35
C PHE B 283 21.42 -17.55 -1.77
N THR B 284 22.44 -17.84 -2.57
CA THR B 284 23.77 -17.79 -2.00
C THR B 284 24.19 -16.44 -1.64
N ARG B 285 23.85 -15.42 -2.47
CA ARG B 285 24.14 -14.03 -2.19
C ARG B 285 23.47 -13.52 -0.93
N LEU B 286 22.18 -13.84 -0.77
CA LEU B 286 21.48 -13.44 0.40
C LEU B 286 22.07 -14.00 1.69
N GLU B 287 22.44 -15.27 1.65
CA GLU B 287 23.07 -15.90 2.81
C GLU B 287 24.37 -15.22 3.15
N ASP B 288 25.20 -14.99 2.14
CA ASP B 288 26.52 -14.39 2.40
C ASP B 288 26.33 -13.00 2.97
N GLU B 289 25.41 -12.23 2.37
CA GLU B 289 25.18 -10.87 2.80
C GLU B 289 24.65 -10.86 4.24
N LEU B 290 23.73 -11.74 4.57
CA LEU B 290 23.18 -11.76 5.95
C LEU B 290 24.27 -12.15 6.96
N LEU B 291 25.10 -13.12 6.62
CA LEU B 291 26.17 -13.55 7.52
C LEU B 291 27.16 -12.42 7.67
N GLU B 292 27.36 -11.60 6.63
CA GLU B 292 28.32 -10.49 6.70
C GLU B 292 27.85 -9.41 7.64
N ILE B 293 26.59 -9.05 7.58
CA ILE B 293 26.02 -8.04 8.49
C ILE B 293 26.07 -8.56 9.93
N MET B 294 25.71 -9.83 10.14
CA MET B 294 25.78 -10.46 11.46
C MET B 294 27.19 -10.33 12.00
N ALA B 295 28.16 -10.67 11.18
CA ALA B 295 29.57 -10.70 11.63
C ALA B 295 30.00 -9.31 12.01
N ARG B 296 29.63 -8.33 11.22
CA ARG B 296 30.05 -6.93 11.53
C ARG B 296 29.43 -6.47 12.86
N LYS B 297 28.22 -6.93 13.17
CA LYS B 297 27.51 -6.57 14.38
C LYS B 297 27.85 -7.43 15.60
N GLY B 298 28.55 -8.51 15.41
CA GLY B 298 28.79 -9.50 16.48
C GLY B 298 27.66 -10.42 16.83
N TYR B 299 26.71 -10.64 15.90
CA TYR B 299 25.65 -11.57 16.20
C TYR B 299 26.06 -12.95 15.69
N ARG B 300 25.93 -13.95 16.55
CA ARG B 300 26.20 -15.35 16.18
C ARG B 300 24.95 -16.21 15.94
N THR B 301 23.76 -15.64 16.15
CA THR B 301 22.58 -16.38 15.89
C THR B 301 21.49 -15.43 15.43
N LEU B 302 20.49 -15.97 14.75
CA LEU B 302 19.31 -15.21 14.41
C LEU B 302 18.45 -14.82 15.60
N GLU B 303 18.38 -15.72 16.57
CA GLU B 303 17.61 -15.48 17.74
C GLU B 303 18.11 -14.28 18.51
N GLU B 304 19.36 -13.89 18.40
CA GLU B 304 19.93 -12.75 19.11
C GLU B 304 19.28 -11.44 18.71
N PHE B 305 18.73 -11.36 17.50
CA PHE B 305 18.12 -10.10 17.05
C PHE B 305 16.72 -10.23 16.52
N ARG B 306 16.17 -11.43 16.42
CA ARG B 306 14.85 -11.52 15.83
C ARG B 306 13.89 -10.73 16.70
N GLY B 307 13.06 -9.92 16.07
CA GLY B 307 12.07 -9.17 16.79
C GLY B 307 12.59 -8.06 17.67
N ARG B 308 13.86 -7.79 17.58
CA ARG B 308 14.50 -6.82 18.49
C ARG B 308 14.67 -5.46 17.90
N VAL B 309 13.87 -5.07 16.88
CA VAL B 309 13.84 -3.70 16.38
C VAL B 309 13.62 -2.75 17.56
N LYS B 310 14.40 -1.74 17.59
CA LYS B 310 14.28 -0.70 18.66
C LYS B 310 13.30 0.40 18.34
N THR B 311 12.53 0.80 19.34
CA THR B 311 11.64 1.99 19.20
C THR B 311 12.31 3.15 19.87
N ILE B 312 11.82 4.36 19.59
CA ILE B 312 12.41 5.57 20.17
C ILE B 312 11.60 5.99 21.41
N GLU B 313 12.31 6.09 22.55
CA GLU B 313 11.78 6.45 23.86
C GLU B 313 10.83 5.39 24.39
#